data_1ERO
#
_entry.id   1ERO
#
_cell.length_a   61.190
_cell.length_b   89.280
_cell.length_c   42.100
_cell.angle_alpha   90.00
_cell.angle_beta   90.00
_cell.angle_gamma   90.00
#
_symmetry.space_group_name_H-M   'P 21 21 21'
#
loop_
_entity.id
_entity.type
_entity.pdbx_description
1 polymer 'TEM-1 BETA-LACTAMASE'
2 non-polymer '(1R)-2-PHENYLACETAMIDO-2-(3-CARBOXYPHENYL)ETHYL BORONIC ACID'
3 water water
#
_entity_poly.entity_id   1
_entity_poly.type   'polypeptide(L)'
_entity_poly.pdbx_seq_one_letter_code
;HPETLVKVKDAEDQLGARVGYIELDLNSGKILESFRPEERFPMMSTFKVLLCGAVLSRVDAGQEQLGRRIHYSQNDLVEY
SPVTEKHLTDGMTVRELCSAAITMSDNTAANLLLTTIGGPKELTAFLHNMGDHVTRLDRWEPELNEAIPNDERDTTMPAA
MATTLRKLLTGELLTLASRQQLIDWMEADKVAGPLLRSALPAGWFIADKSGAGERGSRGIIAALGPDGKPSRIVVIYTTG
SQATMDERNRQIAEIGASLIKHW
;
_entity_poly.pdbx_strand_id   A
#
# COMPACT_ATOMS: atom_id res chain seq x y z
N HIS A 1 -10.17 13.68 13.91
CA HIS A 1 -11.06 14.78 14.27
C HIS A 1 -12.34 14.69 13.46
N PRO A 2 -13.48 14.98 14.09
CA PRO A 2 -14.73 14.89 13.37
C PRO A 2 -14.74 15.83 12.18
N GLU A 3 -14.02 16.94 12.24
CA GLU A 3 -14.04 17.79 11.08
C GLU A 3 -13.47 17.00 9.88
N THR A 4 -12.49 16.13 10.13
CA THR A 4 -11.93 15.30 9.06
C THR A 4 -13.02 14.37 8.50
N LEU A 5 -13.91 13.88 9.36
CA LEU A 5 -14.98 13.02 8.89
C LEU A 5 -15.91 13.79 7.99
N VAL A 6 -16.00 15.08 8.22
CA VAL A 6 -16.84 15.88 7.35
C VAL A 6 -16.31 15.86 5.91
N LYS A 7 -15.00 16.01 5.81
CA LYS A 7 -14.28 15.96 4.54
C LYS A 7 -14.36 14.60 3.87
N VAL A 8 -14.35 13.52 4.65
CA VAL A 8 -14.50 12.20 4.06
C VAL A 8 -15.87 12.05 3.44
N LYS A 9 -16.88 12.62 4.12
CA LYS A 9 -18.25 12.59 3.57
C LYS A 9 -18.39 13.56 2.40
N ASP A 10 -17.70 14.67 2.49
CA ASP A 10 -17.73 15.58 1.37
C ASP A 10 -17.15 14.85 0.16
N ALA A 11 -16.08 14.09 0.37
CA ALA A 11 -15.49 13.33 -0.72
C ALA A 11 -16.45 12.28 -1.30
N GLU A 12 -17.18 11.53 -0.46
CA GLU A 12 -18.13 10.56 -0.98
C GLU A 12 -19.17 11.23 -1.87
N ASP A 13 -19.58 12.46 -1.51
CA ASP A 13 -20.56 13.24 -2.28
C ASP A 13 -20.00 13.68 -3.62
N GLN A 14 -18.74 14.15 -3.61
CA GLN A 14 -18.04 14.59 -4.81
C GLN A 14 -17.80 13.47 -5.84
N LEU A 15 -17.25 12.37 -5.36
CA LEU A 15 -16.90 11.26 -6.21
C LEU A 15 -18.03 10.31 -6.55
N GLY A 16 -19.14 10.44 -5.83
CA GLY A 16 -20.25 9.55 -6.04
C GLY A 16 -19.82 8.11 -5.82
N ALA A 17 -19.06 7.86 -4.75
CA ALA A 17 -18.56 6.54 -4.48
C ALA A 17 -18.36 6.37 -3.00
N ARG A 18 -18.06 5.16 -2.50
CA ARG A 18 -17.80 5.05 -1.08
C ARG A 18 -16.34 5.42 -0.80
N VAL A 19 -16.06 5.88 0.42
CA VAL A 19 -14.71 6.22 0.91
C VAL A 19 -14.48 5.59 2.29
N GLY A 20 -13.44 4.74 2.39
CA GLY A 20 -13.08 4.04 3.62
C GLY A 20 -11.94 4.80 4.21
N TYR A 21 -11.98 5.05 5.52
CA TYR A 21 -10.96 5.88 6.14
C TYR A 21 -10.52 5.40 7.50
N ILE A 22 -9.27 5.63 7.83
CA ILE A 22 -8.80 5.21 9.12
C ILE A 22 -7.51 5.92 9.56
N GLU A 23 -7.54 6.37 10.83
CA GLU A 23 -6.42 7.01 11.52
C GLU A 23 -6.03 6.13 12.69
N LEU A 24 -4.76 5.75 12.77
CA LEU A 24 -4.27 4.89 13.83
C LEU A 24 -3.07 5.50 14.54
N ASP A 25 -3.04 5.37 15.87
CA ASP A 25 -1.90 5.89 16.61
C ASP A 25 -0.82 4.82 16.49
N LEU A 26 0.31 5.20 15.93
CA LEU A 26 1.39 4.27 15.64
C LEU A 26 1.99 3.63 16.85
N ASN A 27 2.10 4.41 17.91
CA ASN A 27 2.66 3.92 19.14
C ASN A 27 1.72 3.03 19.94
N SER A 28 0.53 3.52 20.21
CA SER A 28 -0.38 2.74 21.01
C SER A 28 -1.21 1.68 20.28
N GLY A 29 -1.53 1.90 19.00
CA GLY A 29 -2.38 0.97 18.26
C GLY A 29 -3.84 1.41 18.35
N LYS A 30 -4.03 2.45 19.10
CA LYS A 30 -5.33 3.02 19.30
C LYS A 30 -5.95 3.54 18.00
N ILE A 31 -7.25 3.35 17.77
CA ILE A 31 -7.89 3.90 16.56
C ILE A 31 -8.29 5.35 16.84
N LEU A 32 -7.83 6.31 16.06
CA LEU A 32 -8.20 7.70 16.30
C LEU A 32 -9.49 8.14 15.62
N GLU A 33 -9.66 7.76 14.38
CA GLU A 33 -10.83 8.21 13.68
C GLU A 33 -11.14 7.15 12.62
N SER A 34 -12.41 7.01 12.25
CA SER A 34 -12.75 6.01 11.29
C SER A 34 -14.02 6.26 10.47
N PHE A 35 -14.11 5.51 9.39
CA PHE A 35 -15.21 5.61 8.47
C PHE A 35 -15.21 4.40 7.50
N ARG A 36 -16.30 3.65 7.48
CA ARG A 36 -16.37 2.46 6.67
C ARG A 36 -15.18 1.58 7.00
N PRO A 37 -14.84 1.51 8.29
CA PRO A 37 -13.67 0.74 8.71
C PRO A 37 -13.72 -0.75 8.42
N GLU A 38 -14.93 -1.34 8.44
CA GLU A 38 -15.01 -2.75 8.22
C GLU A 38 -15.62 -3.15 6.92
N GLU A 39 -15.61 -2.27 5.92
CA GLU A 39 -16.09 -2.63 4.60
C GLU A 39 -14.89 -3.02 3.77
N ARG A 40 -15.11 -3.88 2.77
CA ARG A 40 -14.01 -4.31 1.96
C ARG A 40 -13.83 -3.42 0.79
N PHE A 41 -12.57 -3.16 0.49
CA PHE A 41 -12.16 -2.37 -0.64
C PHE A 41 -10.99 -3.12 -1.34
N PRO A 42 -10.73 -2.82 -2.62
CA PRO A 42 -9.60 -3.44 -3.28
C PRO A 42 -8.31 -2.76 -2.89
N MET A 43 -7.30 -3.55 -2.61
CA MET A 43 -5.97 -3.06 -2.24
C MET A 43 -5.23 -2.44 -3.42
N MET A 44 -5.45 -3.01 -4.61
CA MET A 44 -4.70 -2.53 -5.74
C MET A 44 -3.21 -2.59 -5.39
N SER A 45 -2.42 -1.67 -5.94
CA SER A 45 -0.97 -1.67 -5.68
C SER A 45 -0.50 -1.57 -4.19
N THR A 46 -1.44 -1.30 -3.25
CA THR A 46 -1.04 -1.18 -1.84
C THR A 46 -0.59 -2.52 -1.32
N PHE A 47 -0.94 -3.61 -1.99
CA PHE A 47 -0.49 -4.89 -1.49
C PHE A 47 1.02 -5.10 -1.63
N LYS A 48 1.69 -4.31 -2.49
CA LYS A 48 3.13 -4.43 -2.73
C LYS A 48 3.93 -4.27 -1.46
N VAL A 49 3.43 -3.43 -0.56
CA VAL A 49 4.12 -3.28 0.69
C VAL A 49 4.02 -4.59 1.48
N LEU A 50 2.87 -5.25 1.44
CA LEU A 50 2.73 -6.50 2.14
C LEU A 50 3.62 -7.61 1.58
N LEU A 51 3.73 -7.59 0.27
CA LEU A 51 4.52 -8.52 -0.49
C LEU A 51 5.98 -8.45 -0.02
N CYS A 52 6.52 -7.25 -0.01
CA CYS A 52 7.89 -7.07 0.39
C CYS A 52 8.16 -7.35 1.84
N GLY A 53 7.09 -7.34 2.62
CA GLY A 53 7.16 -7.64 4.04
C GLY A 53 7.35 -9.13 4.22
N ALA A 54 6.64 -9.90 3.42
CA ALA A 54 6.78 -11.34 3.42
C ALA A 54 8.18 -11.74 2.88
N VAL A 55 8.64 -11.03 1.85
CA VAL A 55 9.96 -11.27 1.31
C VAL A 55 11.02 -10.99 2.36
N LEU A 56 10.82 -9.95 3.11
CA LEU A 56 11.78 -9.61 4.14
C LEU A 56 11.74 -10.63 5.25
N SER A 57 10.58 -11.19 5.55
CA SER A 57 10.58 -12.16 6.62
C SER A 57 11.29 -13.44 6.20
N ARG A 58 11.37 -13.70 4.89
CA ARG A 58 12.06 -14.88 4.43
C ARG A 58 13.55 -14.62 4.50
N VAL A 59 13.92 -13.40 4.16
CA VAL A 59 15.29 -13.03 4.21
C VAL A 59 15.81 -13.09 5.63
N ASP A 60 14.95 -12.75 6.59
CA ASP A 60 15.36 -12.77 7.99
C ASP A 60 15.59 -14.20 8.43
N ALA A 61 14.82 -15.10 7.84
CA ALA A 61 14.91 -16.51 8.16
C ALA A 61 16.02 -17.18 7.34
N GLY A 62 16.74 -16.37 6.59
CA GLY A 62 17.79 -16.89 5.76
C GLY A 62 17.24 -17.74 4.63
N GLN A 63 15.96 -17.59 4.31
CA GLN A 63 15.44 -18.40 3.25
C GLN A 63 15.53 -17.67 1.95
N GLU A 64 15.88 -16.40 2.04
CA GLU A 64 16.00 -15.60 0.84
C GLU A 64 17.13 -14.62 0.99
N GLN A 65 17.60 -14.11 -0.15
CA GLN A 65 18.69 -13.16 -0.25
C GLN A 65 18.27 -11.91 -0.93
N LEU A 66 18.65 -10.78 -0.38
CA LEU A 66 18.33 -9.56 -1.07
C LEU A 66 19.21 -9.42 -2.29
N GLY A 67 20.43 -9.94 -2.18
CA GLY A 67 21.40 -9.86 -3.26
C GLY A 67 21.14 -10.83 -4.41
N ARG A 68 20.37 -11.88 -4.14
CA ARG A 68 20.01 -12.86 -5.16
C ARG A 68 19.49 -12.19 -6.42
N ARG A 69 19.98 -12.64 -7.57
CA ARG A 69 19.54 -12.06 -8.80
C ARG A 69 18.51 -12.92 -9.49
N ILE A 70 17.60 -12.29 -10.24
CA ILE A 70 16.55 -12.99 -10.95
C ILE A 70 16.45 -12.55 -12.39
N HIS A 71 16.32 -13.56 -13.21
CA HIS A 71 16.23 -13.36 -14.62
C HIS A 71 14.85 -13.65 -15.10
N TYR A 72 14.45 -12.95 -16.14
CA TYR A 72 13.11 -13.15 -16.64
C TYR A 72 13.05 -12.76 -18.10
N SER A 73 11.90 -12.94 -18.72
CA SER A 73 11.80 -12.59 -20.13
C SER A 73 10.63 -11.71 -20.47
N GLN A 74 10.68 -11.26 -21.70
CA GLN A 74 9.65 -10.43 -22.31
C GLN A 74 8.29 -11.07 -22.16
N ASN A 75 8.38 -12.38 -21.97
CA ASN A 75 7.27 -13.26 -21.72
C ASN A 75 6.66 -12.98 -20.35
N ASP A 76 7.48 -12.47 -19.44
CA ASP A 76 7.03 -12.17 -18.10
C ASP A 76 6.49 -10.76 -17.93
N LEU A 77 6.74 -9.90 -18.92
CA LEU A 77 6.33 -8.52 -18.83
C LEU A 77 4.83 -8.22 -18.91
N VAL A 78 4.34 -7.46 -17.93
CA VAL A 78 2.95 -7.01 -17.80
C VAL A 78 2.86 -5.53 -18.05
N GLU A 79 1.66 -5.06 -18.34
CA GLU A 79 1.52 -3.63 -18.54
C GLU A 79 2.07 -2.89 -17.32
N TYR A 80 2.54 -1.68 -17.53
CA TYR A 80 3.06 -0.91 -16.43
C TYR A 80 4.24 -1.54 -15.68
N SER A 81 5.37 -1.70 -16.37
CA SER A 81 6.58 -2.28 -15.81
C SER A 81 7.79 -1.45 -16.20
N PRO A 82 7.84 -0.24 -15.65
CA PRO A 82 8.87 0.79 -15.83
C PRO A 82 10.33 0.44 -15.56
N VAL A 83 10.60 -0.36 -14.55
CA VAL A 83 11.99 -0.65 -14.32
C VAL A 83 12.33 -1.94 -15.03
N THR A 84 11.55 -2.95 -14.69
CA THR A 84 11.73 -4.28 -15.22
C THR A 84 11.96 -4.33 -16.70
N GLU A 85 11.19 -3.56 -17.44
CA GLU A 85 11.38 -3.64 -18.86
C GLU A 85 12.77 -3.20 -19.30
N LYS A 86 13.44 -2.50 -18.40
CA LYS A 86 14.77 -1.96 -18.61
C LYS A 86 15.93 -2.93 -18.41
N HIS A 87 15.70 -4.01 -17.66
CA HIS A 87 16.75 -4.97 -17.39
C HIS A 87 16.42 -6.36 -17.89
N LEU A 88 15.71 -6.40 -19.00
CA LEU A 88 15.39 -7.69 -19.51
C LEU A 88 16.69 -8.47 -19.52
N THR A 89 17.73 -7.75 -19.95
CA THR A 89 19.10 -8.25 -20.14
C THR A 89 19.85 -8.78 -18.90
N ASP A 90 20.07 -7.90 -17.92
CA ASP A 90 20.82 -8.26 -16.73
C ASP A 90 20.05 -8.87 -15.57
N GLY A 91 18.70 -8.92 -15.66
CA GLY A 91 17.85 -9.40 -14.57
C GLY A 91 17.92 -8.41 -13.41
N MET A 92 17.36 -8.73 -12.25
CA MET A 92 17.40 -7.85 -11.08
C MET A 92 17.47 -8.62 -9.76
N THR A 93 18.09 -8.08 -8.73
CA THR A 93 18.12 -8.78 -7.48
C THR A 93 16.78 -8.62 -6.74
N VAL A 94 16.60 -9.43 -5.69
CA VAL A 94 15.40 -9.35 -4.89
C VAL A 94 15.22 -7.92 -4.41
N ARG A 95 16.29 -7.37 -3.89
CA ARG A 95 16.27 -6.02 -3.36
C ARG A 95 15.76 -5.01 -4.36
N GLU A 96 16.27 -5.10 -5.58
CA GLU A 96 15.85 -4.14 -6.57
C GLU A 96 14.39 -4.31 -6.95
N LEU A 97 13.91 -5.55 -6.98
CA LEU A 97 12.52 -5.78 -7.35
C LEU A 97 11.56 -5.15 -6.34
N CYS A 98 11.94 -5.21 -5.05
CA CYS A 98 11.14 -4.61 -3.99
C CYS A 98 11.15 -3.11 -4.11
N SER A 99 12.34 -2.55 -4.37
CA SER A 99 12.50 -1.14 -4.60
C SER A 99 11.60 -0.76 -5.75
N ALA A 100 11.71 -1.49 -6.82
CA ALA A 100 10.91 -1.17 -7.97
C ALA A 100 9.44 -1.34 -7.72
N ALA A 101 9.06 -2.36 -6.97
CA ALA A 101 7.64 -2.60 -6.76
C ALA A 101 6.99 -1.50 -5.92
N ILE A 102 7.71 -1.08 -4.90
CA ILE A 102 7.24 -0.08 -3.97
C ILE A 102 7.42 1.38 -4.39
N THR A 103 8.61 1.76 -4.84
CA THR A 103 8.81 3.15 -5.21
C THR A 103 8.25 3.49 -6.58
N MET A 104 8.02 2.49 -7.43
CA MET A 104 7.53 2.81 -8.75
C MET A 104 6.28 2.05 -9.15
N SER A 105 5.75 1.21 -8.24
CA SER A 105 4.61 0.35 -8.51
C SER A 105 4.77 -0.62 -9.67
N ASP A 106 6.02 -0.98 -10.01
CA ASP A 106 6.30 -1.89 -11.14
C ASP A 106 5.48 -3.18 -11.08
N ASN A 107 4.61 -3.43 -12.06
CA ASN A 107 3.76 -4.64 -12.08
C ASN A 107 4.51 -5.95 -12.19
N THR A 108 5.43 -6.01 -13.17
CA THR A 108 6.24 -7.22 -13.39
C THR A 108 7.09 -7.56 -12.15
N ALA A 109 7.70 -6.54 -11.53
CA ALA A 109 8.48 -6.79 -10.34
C ALA A 109 7.63 -7.43 -9.22
N ALA A 110 6.34 -7.11 -9.17
CA ALA A 110 5.48 -7.68 -8.15
C ALA A 110 5.24 -9.15 -8.44
N ASN A 111 4.94 -9.41 -9.71
CA ASN A 111 4.67 -10.75 -10.22
C ASN A 111 5.84 -11.67 -9.97
N LEU A 112 7.04 -11.17 -10.22
CA LEU A 112 8.23 -12.00 -9.99
C LEU A 112 8.39 -12.32 -8.51
N LEU A 113 8.13 -11.31 -7.64
CA LEU A 113 8.25 -11.53 -6.22
C LEU A 113 7.20 -12.49 -5.69
N LEU A 114 5.97 -12.43 -6.24
CA LEU A 114 4.92 -13.32 -5.76
C LEU A 114 5.29 -14.75 -6.04
N THR A 115 5.90 -14.95 -7.19
CA THR A 115 6.29 -16.29 -7.55
C THR A 115 7.27 -16.82 -6.51
N THR A 116 8.31 -16.00 -6.21
CA THR A 116 9.32 -16.43 -5.27
C THR A 116 8.76 -16.86 -3.94
N ILE A 117 7.72 -16.22 -3.46
CA ILE A 117 7.25 -16.60 -2.15
C ILE A 117 6.20 -17.69 -2.12
N GLY A 118 5.64 -18.05 -3.26
CA GLY A 118 4.60 -19.05 -3.23
C GLY A 118 3.26 -18.55 -3.74
N GLY A 119 3.24 -17.37 -4.36
CA GLY A 119 2.01 -16.83 -4.92
C GLY A 119 1.03 -16.28 -3.90
N PRO A 120 -0.12 -15.82 -4.40
CA PRO A 120 -1.19 -15.24 -3.59
C PRO A 120 -1.60 -16.06 -2.39
N LYS A 121 -1.70 -17.37 -2.55
CA LYS A 121 -2.12 -18.19 -1.42
C LYS A 121 -1.18 -18.09 -0.24
N GLU A 122 0.11 -18.02 -0.51
CA GLU A 122 1.11 -17.90 0.54
C GLU A 122 1.12 -16.52 1.18
N LEU A 123 0.88 -15.51 0.38
CA LEU A 123 0.82 -14.19 0.94
C LEU A 123 -0.31 -14.15 1.95
N THR A 124 -1.46 -14.67 1.53
CA THR A 124 -2.64 -14.71 2.34
C THR A 124 -2.36 -15.47 3.64
N ALA A 125 -1.65 -16.58 3.53
CA ALA A 125 -1.28 -17.38 4.69
C ALA A 125 -0.34 -16.59 5.62
N PHE A 126 0.52 -15.81 4.99
CA PHE A 126 1.47 -15.02 5.74
C PHE A 126 0.73 -14.02 6.62
N LEU A 127 -0.23 -13.34 6.00
CA LEU A 127 -1.04 -12.33 6.63
C LEU A 127 -1.93 -12.91 7.71
N HIS A 128 -2.57 -14.00 7.35
CA HIS A 128 -3.45 -14.68 8.26
C HIS A 128 -2.68 -15.10 9.48
N ASN A 129 -1.45 -15.53 9.28
CA ASN A 129 -0.59 -15.94 10.38
C ASN A 129 -0.31 -14.86 11.39
N MET A 130 -0.05 -13.65 10.90
CA MET A 130 0.24 -12.49 11.72
C MET A 130 -0.99 -11.81 12.32
N GLY A 131 -2.15 -12.46 12.27
CA GLY A 131 -3.33 -11.91 12.90
C GLY A 131 -4.32 -11.20 11.99
N ASP A 132 -4.08 -11.23 10.68
CA ASP A 132 -4.99 -10.61 9.75
C ASP A 132 -5.78 -11.69 9.07
N HIS A 133 -7.01 -11.83 9.53
CA HIS A 133 -7.86 -12.88 9.02
C HIS A 133 -8.79 -12.39 7.92
N VAL A 134 -8.61 -11.13 7.51
CA VAL A 134 -9.47 -10.48 6.53
C VAL A 134 -8.85 -10.26 5.17
N THR A 135 -7.67 -9.63 5.18
CA THR A 135 -6.92 -9.30 3.98
C THR A 135 -6.59 -10.54 3.17
N ARG A 136 -6.99 -10.53 1.91
CA ARG A 136 -6.76 -11.64 1.03
C ARG A 136 -6.30 -11.22 -0.36
N LEU A 137 -5.28 -11.93 -0.82
CA LEU A 137 -4.78 -11.70 -2.15
C LEU A 137 -5.12 -12.94 -2.93
N ASP A 138 -5.86 -12.77 -4.01
CA ASP A 138 -6.28 -13.89 -4.85
C ASP A 138 -5.59 -13.99 -6.19
N ARG A 139 -5.36 -12.85 -6.86
CA ARG A 139 -4.79 -12.79 -8.18
C ARG A 139 -3.42 -12.14 -8.30
N TRP A 140 -2.95 -12.17 -9.53
CA TRP A 140 -1.68 -11.62 -9.92
C TRP A 140 -1.89 -10.30 -10.65
N GLU A 141 -0.80 -9.55 -10.93
CA GLU A 141 -0.91 -8.30 -11.65
C GLU A 141 -1.10 -8.66 -13.10
N PRO A 142 -2.00 -7.97 -13.80
CA PRO A 142 -2.73 -6.84 -13.24
C PRO A 142 -4.21 -7.12 -13.12
N GLU A 143 -4.61 -8.39 -13.10
CA GLU A 143 -6.01 -8.70 -12.95
C GLU A 143 -6.54 -8.34 -11.58
N LEU A 144 -5.64 -8.22 -10.60
CA LEU A 144 -6.03 -7.92 -9.25
C LEU A 144 -6.63 -6.51 -9.07
N ASN A 145 -6.55 -5.68 -10.11
CA ASN A 145 -7.11 -4.33 -10.10
C ASN A 145 -8.53 -4.22 -10.71
N GLU A 146 -9.15 -5.35 -11.01
CA GLU A 146 -10.47 -5.42 -11.60
C GLU A 146 -11.50 -4.66 -10.80
N ALA A 147 -11.54 -4.93 -9.53
CA ALA A 147 -12.47 -4.20 -8.70
C ALA A 147 -13.91 -4.39 -9.15
N ILE A 148 -14.33 -5.61 -9.42
CA ILE A 148 -15.72 -5.76 -9.75
C ILE A 148 -16.59 -5.61 -8.49
N PRO A 149 -17.65 -4.82 -8.56
CA PRO A 149 -18.52 -4.57 -7.43
C PRO A 149 -18.89 -5.83 -6.63
N ASN A 150 -18.67 -5.77 -5.32
CA ASN A 150 -18.97 -6.88 -4.44
C ASN A 150 -18.01 -8.07 -4.50
N ASP A 151 -16.98 -8.02 -5.33
CA ASP A 151 -16.07 -9.14 -5.35
C ASP A 151 -15.18 -9.06 -4.12
N GLU A 152 -14.99 -10.18 -3.42
CA GLU A 152 -14.15 -10.22 -2.26
C GLU A 152 -12.69 -10.50 -2.60
N ARG A 153 -12.42 -10.91 -3.84
CA ARG A 153 -11.03 -11.20 -4.21
C ARG A 153 -10.08 -9.98 -4.13
N ASP A 154 -8.94 -10.18 -3.52
CA ASP A 154 -7.95 -9.14 -3.49
C ASP A 154 -8.40 -7.88 -2.80
N THR A 155 -9.04 -8.05 -1.65
CA THR A 155 -9.49 -6.88 -0.91
C THR A 155 -8.96 -6.89 0.51
N THR A 156 -9.16 -5.76 1.19
CA THR A 156 -8.85 -5.58 2.57
C THR A 156 -9.98 -4.74 3.16
N MET A 157 -9.87 -4.41 4.44
CA MET A 157 -10.77 -3.51 5.13
C MET A 157 -9.83 -2.45 5.67
N PRO A 158 -10.28 -1.21 5.72
CA PRO A 158 -9.39 -0.19 6.22
C PRO A 158 -8.76 -0.51 7.58
N ALA A 159 -9.55 -1.12 8.47
CA ALA A 159 -9.17 -1.49 9.83
C ALA A 159 -8.07 -2.52 9.83
N ALA A 160 -8.25 -3.53 8.98
CA ALA A 160 -7.31 -4.63 8.79
C ALA A 160 -6.00 -4.14 8.19
N MET A 161 -6.06 -3.42 7.07
CA MET A 161 -4.84 -2.91 6.51
C MET A 161 -4.02 -2.03 7.47
N ALA A 162 -4.71 -1.12 8.20
CA ALA A 162 -4.05 -0.24 9.17
C ALA A 162 -3.28 -0.99 10.25
N THR A 163 -3.91 -1.96 10.91
CA THR A 163 -3.24 -2.69 11.98
C THR A 163 -2.11 -3.60 11.47
N THR A 164 -2.29 -4.12 10.27
CA THR A 164 -1.27 -4.96 9.69
C THR A 164 -0.06 -4.12 9.35
N LEU A 165 -0.26 -2.92 8.82
CA LEU A 165 0.89 -2.11 8.47
C LEU A 165 1.60 -1.77 9.76
N ARG A 166 0.79 -1.59 10.79
CA ARG A 166 1.34 -1.26 12.08
C ARG A 166 2.23 -2.36 12.61
N LYS A 167 1.75 -3.59 12.48
CA LYS A 167 2.54 -4.73 12.91
C LYS A 167 3.84 -4.87 12.14
N LEU A 168 3.77 -4.72 10.83
CA LEU A 168 4.96 -4.85 9.99
C LEU A 168 6.03 -3.89 10.45
N LEU A 169 5.57 -2.64 10.54
CA LEU A 169 6.38 -1.49 10.87
C LEU A 169 6.85 -1.41 12.29
N THR A 170 6.05 -1.85 13.25
CA THR A 170 6.50 -1.71 14.61
C THR A 170 6.49 -2.96 15.46
N GLY A 171 5.87 -4.03 14.95
CA GLY A 171 5.81 -5.30 15.67
C GLY A 171 7.19 -5.95 15.80
N GLU A 172 7.25 -7.06 16.52
CA GLU A 172 8.53 -7.73 16.67
C GLU A 172 8.81 -8.65 15.48
N LEU A 173 7.76 -8.79 14.67
CA LEU A 173 7.64 -9.60 13.45
C LEU A 173 8.83 -9.64 12.52
N LEU A 174 9.31 -8.45 12.16
CA LEU A 174 10.44 -8.29 11.28
C LEU A 174 11.62 -7.82 12.08
N THR A 175 12.83 -8.13 11.62
CA THR A 175 13.98 -7.63 12.36
C THR A 175 14.03 -6.13 12.20
N LEU A 176 14.80 -5.52 13.09
CA LEU A 176 15.03 -4.08 13.10
C LEU A 176 15.54 -3.65 11.74
N ALA A 177 16.45 -4.44 11.25
CA ALA A 177 17.05 -4.17 9.97
C ALA A 177 16.08 -4.26 8.81
N SER A 178 15.14 -5.19 8.92
CA SER A 178 14.16 -5.37 7.87
C SER A 178 13.04 -4.36 7.97
N ARG A 179 12.59 -4.08 9.19
CA ARG A 179 11.57 -3.06 9.31
C ARG A 179 12.09 -1.79 8.69
N GLN A 180 13.31 -1.45 9.06
CA GLN A 180 13.92 -0.23 8.55
C GLN A 180 13.97 -0.19 7.05
N GLN A 181 14.42 -1.29 6.48
CA GLN A 181 14.51 -1.40 5.06
C GLN A 181 13.16 -1.18 4.39
N LEU A 182 12.12 -1.68 5.03
CA LEU A 182 10.79 -1.55 4.46
C LEU A 182 10.37 -0.08 4.50
N ILE A 183 10.63 0.59 5.63
CA ILE A 183 10.28 2.00 5.78
C ILE A 183 10.96 2.89 4.75
N ASP A 184 12.23 2.55 4.50
CA ASP A 184 13.11 3.24 3.56
C ASP A 184 12.56 3.26 2.14
N TRP A 185 12.06 2.11 1.71
CA TRP A 185 11.45 1.92 0.42
C TRP A 185 10.18 2.79 0.28
N MET A 186 9.35 2.84 1.33
CA MET A 186 8.09 3.62 1.38
C MET A 186 8.35 5.10 1.38
N GLU A 187 9.39 5.46 2.10
CA GLU A 187 9.75 6.85 2.17
C GLU A 187 10.21 7.37 0.83
N ALA A 188 10.84 6.51 0.06
CA ALA A 188 11.30 6.90 -1.23
C ALA A 188 10.22 6.87 -2.31
N ASP A 189 8.97 6.60 -1.94
CA ASP A 189 7.86 6.55 -2.91
C ASP A 189 7.93 7.70 -3.96
N LYS A 190 8.09 7.34 -5.25
CA LYS A 190 8.22 8.31 -6.35
C LYS A 190 6.96 8.55 -7.17
N VAL A 191 5.81 7.99 -6.78
CA VAL A 191 4.62 8.14 -7.59
C VAL A 191 3.38 8.67 -6.86
N ALA A 192 3.48 8.92 -5.56
CA ALA A 192 2.32 9.40 -4.83
C ALA A 192 2.29 10.92 -4.60
N GLY A 193 3.14 11.66 -5.32
CA GLY A 193 3.23 13.09 -5.14
C GLY A 193 1.92 13.90 -5.07
N PRO A 194 0.91 13.54 -5.87
CA PRO A 194 -0.34 14.29 -5.90
C PRO A 194 -1.31 13.95 -4.77
N LEU A 195 -0.98 12.91 -4.01
CA LEU A 195 -1.81 12.49 -2.92
C LEU A 195 -1.43 13.14 -1.59
N LEU A 196 -1.16 12.38 -0.58
CA LEU A 196 -0.83 12.99 0.67
C LEU A 196 0.41 13.85 0.61
N ARG A 197 1.42 13.45 -0.14
CA ARG A 197 2.60 14.31 -0.14
C ARG A 197 2.29 15.75 -0.49
N SER A 198 1.25 15.95 -1.25
CA SER A 198 0.88 17.27 -1.68
C SER A 198 0.38 18.19 -0.55
N ALA A 199 -0.04 17.62 0.58
CA ALA A 199 -0.57 18.38 1.69
C ALA A 199 0.34 18.50 2.91
N LEU A 200 1.52 17.88 2.83
CA LEU A 200 2.54 17.81 3.88
C LEU A 200 3.30 19.10 4.04
N PRO A 201 3.49 19.49 5.29
CA PRO A 201 4.24 20.67 5.55
C PRO A 201 5.69 20.24 5.58
N ALA A 202 6.58 21.21 5.43
CA ALA A 202 8.02 20.96 5.49
C ALA A 202 8.40 20.31 6.80
N GLY A 203 9.41 19.45 6.74
CA GLY A 203 9.94 18.79 7.90
C GLY A 203 9.15 17.57 8.32
N TRP A 204 7.99 17.36 7.75
CA TRP A 204 7.26 16.17 8.13
C TRP A 204 7.87 14.94 7.50
N PHE A 205 7.57 13.79 8.09
CA PHE A 205 7.99 12.49 7.58
C PHE A 205 6.80 11.80 6.91
N ILE A 206 7.08 11.03 5.88
CA ILE A 206 6.06 10.25 5.21
C ILE A 206 6.67 9.05 4.51
N ALA A 207 6.06 7.90 4.76
CA ALA A 207 6.40 6.65 4.14
C ALA A 207 5.07 6.14 3.64
N ASP A 208 4.93 5.97 2.33
CA ASP A 208 3.64 5.58 1.78
C ASP A 208 3.70 4.70 0.55
N LYS A 209 2.50 4.26 0.20
CA LYS A 209 2.25 3.47 -0.99
C LYS A 209 0.82 3.67 -1.46
N SER A 210 0.66 4.02 -2.74
CA SER A 210 -0.66 4.22 -3.35
C SER A 210 -1.12 3.09 -4.28
N GLY A 211 -2.33 3.24 -4.78
CA GLY A 211 -2.81 2.31 -5.75
C GLY A 211 -3.91 2.92 -6.58
N ALA A 212 -4.07 2.42 -7.82
CA ALA A 212 -5.16 2.84 -8.68
C ALA A 212 -5.62 1.66 -9.46
N GLY A 213 -6.90 1.53 -9.72
CA GLY A 213 -7.35 0.38 -10.48
C GLY A 213 -8.56 0.69 -11.33
N GLU A 214 -9.23 -0.33 -11.83
CA GLU A 214 -10.42 -0.09 -12.62
C GLU A 214 -11.55 0.49 -11.78
N ARG A 215 -12.66 0.83 -12.44
CA ARG A 215 -13.85 1.34 -11.76
C ARG A 215 -13.61 2.49 -10.77
N GLY A 216 -12.70 3.41 -11.14
CA GLY A 216 -12.40 4.57 -10.32
C GLY A 216 -11.68 4.27 -9.00
N SER A 217 -11.15 3.06 -8.84
CA SER A 217 -10.47 2.72 -7.62
C SER A 217 -9.18 3.48 -7.45
N ARG A 218 -8.93 3.82 -6.19
CA ARG A 218 -7.77 4.63 -5.81
C ARG A 218 -7.57 4.49 -4.31
N GLY A 219 -6.33 4.64 -3.80
CA GLY A 219 -6.12 4.47 -2.38
C GLY A 219 -4.68 4.67 -2.03
N ILE A 220 -4.46 4.82 -0.74
CA ILE A 220 -3.14 5.04 -0.22
C ILE A 220 -3.08 4.57 1.23
N ILE A 221 -1.89 4.09 1.61
CA ILE A 221 -1.62 3.67 2.98
C ILE A 221 -0.40 4.46 3.37
N ALA A 222 -0.29 4.92 4.62
CA ALA A 222 0.85 5.73 4.92
C ALA A 222 1.12 5.87 6.40
N ALA A 223 2.39 6.07 6.73
CA ALA A 223 2.83 6.36 8.08
C ALA A 223 3.43 7.76 8.01
N LEU A 224 2.86 8.68 8.80
CA LEU A 224 3.35 10.04 8.77
C LEU A 224 3.43 10.64 10.16
N GLY A 225 4.17 11.75 10.23
CA GLY A 225 4.37 12.48 11.47
C GLY A 225 5.28 13.70 11.27
N PRO A 226 5.14 14.64 12.20
CA PRO A 226 5.94 15.85 12.17
C PRO A 226 7.36 15.60 12.66
N ASP A 227 8.24 16.52 12.27
CA ASP A 227 9.62 16.53 12.70
C ASP A 227 10.39 15.27 12.41
N GLY A 228 10.32 14.83 11.16
CA GLY A 228 11.07 13.67 10.70
C GLY A 228 10.70 12.33 11.34
N LYS A 229 9.60 12.24 12.10
CA LYS A 229 9.24 10.94 12.65
C LYS A 229 7.76 10.57 12.52
N PRO A 230 7.48 9.37 12.04
CA PRO A 230 6.10 8.97 11.85
C PRO A 230 5.46 8.78 13.20
N SER A 231 4.19 9.11 13.31
CA SER A 231 3.53 8.89 14.57
C SER A 231 2.10 8.41 14.37
N ARG A 232 1.70 8.34 13.12
CA ARG A 232 0.35 7.89 12.83
C ARG A 232 0.25 7.18 11.50
N ILE A 233 -0.74 6.30 11.48
CA ILE A 233 -1.07 5.52 10.31
C ILE A 233 -2.40 6.01 9.76
N VAL A 234 -2.45 6.23 8.43
CA VAL A 234 -3.65 6.65 7.72
C VAL A 234 -3.85 5.77 6.50
N VAL A 235 -5.05 5.25 6.36
CA VAL A 235 -5.38 4.40 5.23
C VAL A 235 -6.58 5.05 4.55
N ILE A 236 -6.54 5.10 3.22
CA ILE A 236 -7.64 5.69 2.46
C ILE A 236 -7.91 4.91 1.17
N TYR A 237 -9.14 4.39 1.09
CA TYR A 237 -9.60 3.67 -0.08
C TYR A 237 -10.92 4.22 -0.61
N THR A 238 -11.05 4.13 -1.91
CA THR A 238 -12.25 4.54 -2.56
C THR A 238 -12.44 3.68 -3.79
N THR A 239 -13.71 3.42 -4.12
CA THR A 239 -14.07 2.65 -5.29
C THR A 239 -15.46 2.96 -5.79
N GLY A 240 -15.65 2.80 -7.10
CA GLY A 240 -16.92 3.07 -7.73
C GLY A 240 -17.10 4.42 -8.43
N SER A 241 -16.18 5.35 -8.31
CA SER A 241 -16.37 6.63 -8.94
C SER A 241 -16.16 6.63 -10.45
N GLN A 242 -16.85 7.59 -11.10
CA GLN A 242 -16.81 7.90 -12.51
C GLN A 242 -15.90 9.12 -12.77
N ALA A 243 -15.35 9.60 -11.66
CA ALA A 243 -14.48 10.74 -11.69
C ALA A 243 -13.15 10.41 -12.33
N THR A 244 -12.55 11.42 -12.88
CA THR A 244 -11.24 11.28 -13.46
C THR A 244 -10.20 11.23 -12.38
N MET A 245 -9.05 10.78 -12.79
CA MET A 245 -7.88 10.67 -11.98
C MET A 245 -7.63 11.91 -11.14
N ASP A 246 -7.57 13.08 -11.78
CA ASP A 246 -7.34 14.32 -11.07
C ASP A 246 -8.31 14.61 -9.96
N GLU A 247 -9.61 14.50 -10.25
CA GLU A 247 -10.59 14.76 -9.22
C GLU A 247 -10.39 13.79 -8.07
N ARG A 248 -10.05 12.56 -8.39
CA ARG A 248 -9.81 11.54 -7.38
C ARG A 248 -8.63 11.89 -6.52
N ASN A 249 -7.54 12.35 -7.13
CA ASN A 249 -6.37 12.77 -6.39
C ASN A 249 -6.66 14.04 -5.57
N ARG A 250 -7.45 14.94 -6.13
CA ARG A 250 -7.81 16.14 -5.42
C ARG A 250 -8.50 15.82 -4.11
N GLN A 251 -9.50 14.96 -4.14
CA GLN A 251 -10.24 14.64 -2.94
C GLN A 251 -9.42 14.07 -1.81
N ILE A 252 -8.54 13.14 -2.18
CA ILE A 252 -7.65 12.47 -1.26
C ILE A 252 -6.69 13.45 -0.62
N ALA A 253 -6.14 14.34 -1.42
CA ALA A 253 -5.23 15.34 -0.92
C ALA A 253 -5.93 16.34 -0.02
N GLU A 254 -7.23 16.53 -0.28
CA GLU A 254 -8.08 17.38 0.53
C GLU A 254 -8.32 16.76 1.90
N ILE A 255 -8.50 15.41 1.97
CA ILE A 255 -8.67 14.70 3.24
C ILE A 255 -7.41 14.82 4.08
N GLY A 256 -6.25 14.70 3.41
CA GLY A 256 -4.95 14.84 4.04
C GLY A 256 -4.74 16.26 4.58
N ALA A 257 -5.22 17.29 3.90
CA ALA A 257 -5.08 18.63 4.41
C ALA A 257 -5.88 18.81 5.69
N SER A 258 -7.00 18.13 5.78
CA SER A 258 -7.86 18.20 6.96
C SER A 258 -7.22 17.48 8.13
N LEU A 259 -6.57 16.38 7.78
CA LEU A 259 -5.84 15.57 8.73
C LEU A 259 -4.70 16.36 9.37
N ILE A 260 -3.97 17.05 8.52
CA ILE A 260 -2.90 17.85 9.00
C ILE A 260 -3.47 18.96 9.90
N LYS A 261 -4.39 19.75 9.37
CA LYS A 261 -4.99 20.85 10.10
C LYS A 261 -5.41 20.48 11.53
N HIS A 262 -6.10 19.37 11.66
CA HIS A 262 -6.56 18.90 12.94
C HIS A 262 -5.60 18.01 13.68
N TRP A 263 -4.35 17.91 13.26
CA TRP A 263 -3.39 17.08 13.98
C TRP A 263 -3.36 17.52 15.44
#